data_7UK3
#
_entry.id   7UK3
#
_cell.length_a   95.159
_cell.length_b   95.159
_cell.length_c   129.320
_cell.angle_alpha   90.000
_cell.angle_beta   90.000
_cell.angle_gamma   120.000
#
_symmetry.space_group_name_H-M   'P 31 2 1'
#
loop_
_entity.id
_entity.type
_entity.pdbx_description
1 polymer 'Queuosine salvage protein DUF2419'
2 water water
#
_entity_poly.entity_id   1
_entity_poly.type   'polypeptide(L)'
_entity_poly.pdbx_seq_one_letter_code
;GSHMADPGDRLGVLTTTRRVVEQAQAVWIDHDAVAQIAEAFAARQVTPPTWNRELHWSDGREALANYILVLDAVNFCFWG
EPRWRIEYAGAVYDGYWALAASLKRALEQGVPLTDASYLAEITRDDVATIFAGEGEIPLLDERARILRETGSVLAERFAG
RFSDAIAAAGRSAVALVDIVTNAFPSFRDVATYRGEQVRFYKRAQILVSDLYGAFDGSDLGAFDDLGELTAFADYKVPQV
LHHLGILRYAPALHDRLARREEIPAGSPEEVEIRAATIWGVEELRRALASRGHALDAYQVDWLLWDEGQRLPAGTLPYHR
TRTIFY
;
_entity_poly.pdbx_strand_id   A
#
# COMPACT_ATOMS: atom_id res chain seq x y z
N GLY A 8 -2.91 -23.93 4.51
CA GLY A 8 -3.94 -23.60 3.49
C GLY A 8 -3.79 -22.17 3.00
N ASP A 9 -4.10 -21.20 3.89
CA ASP A 9 -3.97 -19.75 3.66
C ASP A 9 -3.41 -19.14 4.95
N ARG A 10 -2.08 -19.15 5.08
CA ARG A 10 -1.38 -18.80 6.32
C ARG A 10 -1.69 -17.33 6.67
N LEU A 11 -1.67 -16.46 5.65
CA LEU A 11 -1.83 -15.00 5.81
C LEU A 11 -3.25 -14.68 6.33
N GLY A 12 -4.25 -15.28 5.68
CA GLY A 12 -5.65 -15.21 6.11
C GLY A 12 -6.42 -14.04 5.51
N VAL A 13 -5.81 -13.32 4.56
CA VAL A 13 -6.43 -12.15 3.91
C VAL A 13 -7.50 -12.64 2.91
N LEU A 14 -7.13 -13.61 2.06
CA LEU A 14 -8.06 -14.20 1.09
C LEU A 14 -9.26 -14.79 1.81
N THR A 15 -9.01 -15.67 2.79
CA THR A 15 -10.06 -16.37 3.51
C THR A 15 -11.04 -15.36 4.14
N THR A 16 -10.52 -14.40 4.91
CA THR A 16 -11.37 -13.50 5.70
C THR A 16 -12.12 -12.52 4.80
N THR A 17 -11.55 -12.15 3.63
CA THR A 17 -12.17 -11.18 2.71
C THR A 17 -13.27 -11.85 1.85
N ARG A 18 -13.15 -13.16 1.62
CA ARG A 18 -14.11 -13.90 0.79
C ARG A 18 -15.49 -13.86 1.46
N ARG A 19 -15.50 -13.98 2.79
CA ARG A 19 -16.71 -13.83 3.61
C ARG A 19 -17.42 -12.51 3.27
N VAL A 20 -16.63 -11.43 3.17
CA VAL A 20 -17.14 -10.07 2.89
C VAL A 20 -17.70 -10.02 1.47
N VAL A 21 -16.94 -10.52 0.49
CA VAL A 21 -17.31 -10.43 -0.93
C VAL A 21 -18.63 -11.19 -1.17
N GLU A 22 -18.81 -12.32 -0.49
CA GLU A 22 -20.00 -13.18 -0.64
C GLU A 22 -21.25 -12.46 -0.13
N GLN A 23 -21.11 -11.67 0.94
CA GLN A 23 -22.23 -11.01 1.63
C GLN A 23 -22.40 -9.54 1.20
N ALA A 24 -21.54 -9.01 0.33
CA ALA A 24 -21.43 -7.56 0.08
C ALA A 24 -22.73 -7.00 -0.51
N GLN A 25 -23.14 -5.80 -0.05
CA GLN A 25 -24.39 -5.13 -0.48
C GLN A 25 -24.11 -4.01 -1.49
N ALA A 26 -22.93 -3.39 -1.44
CA ALA A 26 -22.66 -2.16 -2.22
C ALA A 26 -21.62 -2.37 -3.33
N VAL A 27 -20.93 -3.52 -3.34
CA VAL A 27 -19.84 -3.81 -4.29
C VAL A 27 -19.96 -5.26 -4.75
N TRP A 28 -19.70 -5.50 -6.05
CA TRP A 28 -19.54 -6.87 -6.57
C TRP A 28 -18.47 -6.89 -7.68
N ILE A 29 -18.06 -8.11 -8.04
CA ILE A 29 -17.08 -8.36 -9.09
C ILE A 29 -17.83 -8.85 -10.35
N ASP A 30 -17.52 -8.21 -11.49
CA ASP A 30 -18.02 -8.61 -12.80
C ASP A 30 -16.99 -9.55 -13.45
N HIS A 31 -17.30 -10.85 -13.50
CA HIS A 31 -16.39 -11.91 -13.95
C HIS A 31 -16.24 -11.91 -15.47
N ASP A 32 -17.16 -11.23 -16.17
CA ASP A 32 -17.05 -11.02 -17.62
C ASP A 32 -15.96 -9.99 -17.90
N ALA A 33 -15.96 -8.89 -17.14
CA ALA A 33 -14.90 -7.88 -17.20
C ALA A 33 -13.54 -8.53 -16.88
N VAL A 34 -13.50 -9.44 -15.90
CA VAL A 34 -12.26 -10.12 -15.52
C VAL A 34 -11.69 -10.87 -16.72
N ALA A 35 -12.55 -11.65 -17.39
CA ALA A 35 -12.20 -12.46 -18.55
C ALA A 35 -11.67 -11.55 -19.66
N GLN A 36 -12.44 -10.51 -20.01
CA GLN A 36 -12.11 -9.56 -21.08
C GLN A 36 -10.74 -8.92 -20.83
N ILE A 37 -10.51 -8.48 -19.59
CA ILE A 37 -9.25 -7.84 -19.20
C ILE A 37 -8.12 -8.88 -19.21
N ALA A 38 -8.40 -10.10 -18.75
CA ALA A 38 -7.41 -11.19 -18.77
C ALA A 38 -6.96 -11.48 -20.21
N GLU A 39 -7.92 -11.48 -21.14
CA GLU A 39 -7.68 -11.76 -22.57
C GLU A 39 -6.74 -10.70 -23.15
N ALA A 40 -7.06 -9.42 -22.92
CA ALA A 40 -6.32 -8.26 -23.45
C ALA A 40 -4.88 -8.23 -22.92
N PHE A 41 -4.72 -8.46 -21.60
CA PHE A 41 -3.41 -8.41 -20.91
C PHE A 41 -2.52 -9.58 -21.34
N ALA A 42 -3.12 -10.75 -21.55
CA ALA A 42 -2.41 -11.96 -22.03
C ALA A 42 -1.94 -11.78 -23.49
N ALA A 43 -2.73 -11.06 -24.30
CA ALA A 43 -2.46 -10.83 -25.74
C ALA A 43 -1.28 -9.85 -25.89
N ARG A 44 -1.31 -8.74 -25.14
CA ARG A 44 -0.24 -7.73 -25.09
C ARG A 44 0.99 -8.31 -24.37
N GLN A 45 0.82 -9.43 -23.66
CA GLN A 45 1.89 -10.17 -22.94
C GLN A 45 2.51 -9.25 -21.88
N VAL A 46 1.65 -8.50 -21.16
CA VAL A 46 2.08 -7.38 -20.28
C VAL A 46 3.35 -7.79 -19.53
N THR A 47 4.40 -6.96 -19.66
CA THR A 47 5.63 -7.13 -18.88
C THR A 47 5.29 -6.87 -17.41
N PRO A 48 5.81 -7.67 -16.45
CA PRO A 48 5.69 -7.35 -15.03
C PRO A 48 6.43 -6.05 -14.71
N PRO A 49 5.80 -5.05 -14.04
CA PRO A 49 6.50 -3.82 -13.65
C PRO A 49 7.69 -4.15 -12.72
N THR A 50 8.69 -3.26 -12.67
CA THR A 50 9.82 -3.39 -11.75
C THR A 50 9.85 -2.19 -10.77
N TRP A 51 10.41 -2.42 -9.58
N TRP A 51 10.43 -2.41 -9.59
CA TRP A 51 10.54 -1.41 -8.52
CA TRP A 51 10.54 -1.43 -8.52
C TRP A 51 11.59 -0.37 -8.94
C TRP A 51 11.59 -0.37 -8.92
N ASN A 52 11.18 0.91 -8.97
CA ASN A 52 12.03 2.01 -9.46
C ASN A 52 12.88 2.57 -8.31
N ARG A 53 14.10 2.06 -8.17
CA ARG A 53 15.01 2.42 -7.08
CA ARG A 53 15.00 2.42 -7.07
C ARG A 53 15.51 3.85 -7.26
N GLU A 54 15.42 4.38 -8.48
CA GLU A 54 15.89 5.74 -8.83
C GLU A 54 15.01 6.81 -8.15
N LEU A 55 13.74 6.47 -7.87
CA LEU A 55 12.79 7.44 -7.25
C LEU A 55 12.91 7.45 -5.72
N HIS A 56 13.64 6.48 -5.15
CA HIS A 56 13.80 6.34 -3.71
C HIS A 56 15.24 6.65 -3.28
N TRP A 57 15.39 6.88 -1.97
CA TRP A 57 16.71 6.97 -1.36
CA TRP A 57 16.70 6.97 -1.33
C TRP A 57 17.40 5.61 -1.44
N SER A 58 18.73 5.64 -1.56
CA SER A 58 19.58 4.45 -1.63
C SER A 58 20.67 4.53 -0.54
N ASP A 59 21.11 3.37 -0.05
CA ASP A 59 22.10 3.28 1.01
C ASP A 59 22.47 1.81 1.19
N GLY A 60 23.20 1.49 2.27
CA GLY A 60 23.52 0.12 2.65
C GLY A 60 22.31 -0.58 3.24
N ARG A 61 22.45 -1.88 3.51
CA ARG A 61 21.35 -2.77 3.90
C ARG A 61 20.65 -2.25 5.17
N GLU A 62 21.41 -1.77 6.16
CA GLU A 62 20.85 -1.41 7.46
C GLU A 62 19.93 -0.20 7.30
N ALA A 63 20.46 0.89 6.71
CA ALA A 63 19.72 2.14 6.57
C ALA A 63 18.57 2.01 5.55
N LEU A 64 18.77 1.20 4.50
CA LEU A 64 17.76 0.99 3.45
C LEU A 64 16.60 0.17 4.02
N ALA A 65 16.90 -0.82 4.87
CA ALA A 65 15.87 -1.62 5.51
C ALA A 65 15.00 -0.72 6.38
N ASN A 66 15.65 0.15 7.17
CA ASN A 66 14.96 1.12 8.04
C ASN A 66 14.16 2.10 7.19
N TYR A 67 14.74 2.56 6.07
CA TYR A 67 14.07 3.48 5.14
C TYR A 67 12.73 2.89 4.67
N ILE A 68 12.73 1.61 4.27
CA ILE A 68 11.53 0.94 3.73
C ILE A 68 10.45 0.87 4.83
N LEU A 69 10.86 0.56 6.06
CA LEU A 69 9.97 0.55 7.22
C LEU A 69 9.30 1.91 7.38
N VAL A 70 10.12 2.98 7.38
CA VAL A 70 9.63 4.35 7.58
C VAL A 70 8.65 4.72 6.46
N LEU A 71 9.07 4.52 5.21
CA LEU A 71 8.27 4.75 4.00
C LEU A 71 6.86 4.14 4.17
N ASP A 72 6.82 2.84 4.45
CA ASP A 72 5.57 2.11 4.44
C ASP A 72 4.81 2.31 5.76
N ALA A 73 5.48 2.79 6.82
CA ALA A 73 4.83 3.17 8.09
C ALA A 73 3.90 4.37 7.87
N VAL A 74 4.30 5.32 6.99
CA VAL A 74 3.50 6.54 6.73
C VAL A 74 2.93 6.50 5.30
N ASN A 75 2.87 5.32 4.68
CA ASN A 75 2.38 5.18 3.29
C ASN A 75 0.84 5.04 3.33
N PHE A 76 0.16 6.18 3.47
CA PHE A 76 -1.31 6.24 3.52
C PHE A 76 -1.81 7.67 3.27
N CYS A 77 -2.98 7.74 2.60
CA CYS A 77 -3.99 8.82 2.69
C CYS A 77 -3.42 10.19 2.31
N PHE A 78 -3.31 10.46 1.00
CA PHE A 78 -2.63 11.64 0.46
C PHE A 78 -3.63 12.63 -0.15
N TRP A 79 -4.90 12.22 -0.29
CA TRP A 79 -5.93 12.98 -1.00
C TRP A 79 -6.40 14.17 -0.16
N GLY A 80 -7.05 15.13 -0.82
CA GLY A 80 -7.66 16.29 -0.14
C GLY A 80 -7.39 17.59 -0.88
N GLU A 81 -8.23 18.60 -0.65
CA GLU A 81 -8.10 19.93 -1.27
C GLU A 81 -7.69 20.92 -0.18
N PRO A 82 -6.82 21.89 -0.50
CA PRO A 82 -6.12 21.97 -1.78
C PRO A 82 -5.07 20.85 -1.84
N ARG A 83 -4.87 20.27 -3.03
CA ARG A 83 -4.04 19.06 -3.20
C ARG A 83 -2.66 19.31 -2.57
N TRP A 84 -2.23 18.38 -1.70
CA TRP A 84 -0.87 18.37 -1.18
C TRP A 84 0.11 18.06 -2.31
N ARG A 85 1.02 19.00 -2.59
CA ARG A 85 2.09 18.85 -3.59
C ARG A 85 3.42 19.31 -2.97
N ILE A 86 4.53 18.70 -3.40
CA ILE A 86 5.87 19.20 -3.07
C ILE A 86 6.64 19.49 -4.37
N GLU A 87 7.59 20.43 -4.26
CA GLU A 87 8.53 20.78 -5.32
C GLU A 87 9.91 20.22 -4.90
N TYR A 88 10.55 19.47 -5.82
CA TYR A 88 11.86 18.87 -5.55
C TYR A 88 12.65 18.78 -6.87
N ALA A 89 13.83 19.42 -6.88
CA ALA A 89 14.73 19.47 -8.03
C ALA A 89 13.98 19.87 -9.30
N GLY A 90 13.17 20.94 -9.19
CA GLY A 90 12.50 21.57 -10.34
C GLY A 90 11.34 20.74 -10.90
N ALA A 91 10.81 19.83 -10.08
CA ALA A 91 9.65 19.00 -10.47
C ALA A 91 8.64 18.97 -9.33
N VAL A 92 7.35 18.89 -9.71
CA VAL A 92 6.23 18.89 -8.76
C VAL A 92 5.77 17.45 -8.56
N TYR A 93 5.49 17.07 -7.31
CA TYR A 93 5.04 15.70 -6.97
C TYR A 93 3.77 15.77 -6.11
N ASP A 94 2.89 14.77 -6.27
CA ASP A 94 1.72 14.59 -5.40
C ASP A 94 1.50 13.09 -5.13
N GLY A 95 0.62 12.78 -4.19
CA GLY A 95 0.28 11.41 -3.86
C GLY A 95 1.47 10.65 -3.30
N TYR A 96 1.56 9.36 -3.61
CA TYR A 96 2.64 8.49 -3.14
C TYR A 96 4.00 9.06 -3.57
N TRP A 97 4.09 9.59 -4.79
CA TRP A 97 5.35 10.08 -5.35
C TRP A 97 5.88 11.29 -4.56
N ALA A 98 4.96 12.06 -3.95
CA ALA A 98 5.33 13.18 -3.08
C ALA A 98 5.90 12.66 -1.74
N LEU A 99 5.36 11.53 -1.25
CA LEU A 99 5.88 10.88 -0.05
C LEU A 99 7.33 10.44 -0.31
N ALA A 100 7.51 9.68 -1.40
CA ALA A 100 8.80 9.12 -1.80
C ALA A 100 9.83 10.24 -2.00
N ALA A 101 9.46 11.28 -2.76
CA ALA A 101 10.35 12.43 -3.07
C ALA A 101 10.68 13.22 -1.80
N SER A 102 9.70 13.33 -0.89
CA SER A 102 9.86 14.07 0.36
C SER A 102 10.93 13.41 1.23
N LEU A 103 10.81 12.09 1.43
CA LEU A 103 11.74 11.34 2.26
C LEU A 103 13.14 11.41 1.64
N LYS A 104 13.21 11.27 0.31
CA LYS A 104 14.46 11.33 -0.45
C LYS A 104 15.13 12.70 -0.24
N ARG A 105 14.37 13.77 -0.41
CA ARG A 105 14.81 15.17 -0.22
C ARG A 105 15.43 15.31 1.18
N ALA A 106 14.71 14.82 2.19
CA ALA A 106 15.09 14.98 3.60
C ALA A 106 16.38 14.21 3.91
N LEU A 107 16.42 12.93 3.48
CA LEU A 107 17.59 12.07 3.67
C LEU A 107 18.82 12.72 3.02
N GLU A 108 18.65 13.15 1.75
CA GLU A 108 19.71 13.78 0.94
C GLU A 108 20.24 15.04 1.64
N GLN A 109 19.38 15.74 2.39
CA GLN A 109 19.73 17.00 3.06
C GLN A 109 20.22 16.73 4.48
N GLY A 110 20.40 15.46 4.84
CA GLY A 110 21.04 15.05 6.09
C GLY A 110 20.08 14.83 7.26
N VAL A 111 18.76 14.86 7.00
CA VAL A 111 17.79 14.50 8.05
C VAL A 111 17.94 13.01 8.32
N PRO A 112 18.29 12.59 9.56
CA PRO A 112 18.62 11.18 9.83
C PRO A 112 17.38 10.28 10.00
N LEU A 113 16.61 10.12 8.92
CA LEU A 113 15.29 9.46 8.97
C LEU A 113 15.42 7.94 9.09
N THR A 114 16.62 7.38 8.92
CA THR A 114 16.84 5.93 9.05
C THR A 114 17.32 5.55 10.47
N ASP A 115 17.60 6.55 11.31
CA ASP A 115 18.09 6.37 12.69
C ASP A 115 16.86 6.30 13.63
N ALA A 116 16.72 5.16 14.33
CA ALA A 116 15.63 4.94 15.29
C ALA A 116 15.65 6.02 16.38
N SER A 117 16.84 6.47 16.79
CA SER A 117 17.00 7.53 17.81
C SER A 117 16.24 8.79 17.40
N TYR A 118 16.34 9.17 16.11
CA TYR A 118 15.69 10.38 15.58
C TYR A 118 14.17 10.13 15.47
N LEU A 119 13.80 9.02 14.83
CA LEU A 119 12.39 8.66 14.61
C LEU A 119 11.62 8.66 15.93
N ALA A 120 12.25 8.13 16.99
CA ALA A 120 11.62 7.93 18.30
C ALA A 120 11.17 9.26 18.92
N GLU A 121 11.84 10.36 18.55
CA GLU A 121 11.61 11.69 19.16
C GLU A 121 11.14 12.70 18.10
N ILE A 122 10.75 12.23 16.91
CA ILE A 122 10.30 13.13 15.82
C ILE A 122 8.97 13.76 16.22
N THR A 123 8.74 15.02 15.81
CA THR A 123 7.53 15.78 16.18
C THR A 123 6.84 16.33 14.92
N ARG A 124 5.64 16.84 15.13
CA ARG A 124 4.82 17.57 14.17
C ARG A 124 5.69 18.56 13.36
N ASP A 125 6.53 19.34 14.05
CA ASP A 125 7.33 20.41 13.42
C ASP A 125 8.30 19.81 12.39
N ASP A 126 8.97 18.72 12.75
CA ASP A 126 9.92 18.02 11.86
C ASP A 126 9.19 17.47 10.64
N VAL A 127 8.01 16.89 10.85
CA VAL A 127 7.24 16.23 9.78
C VAL A 127 6.64 17.29 8.85
N ALA A 128 6.19 18.41 9.43
CA ALA A 128 5.67 19.56 8.69
C ALA A 128 6.71 20.07 7.68
N THR A 129 7.99 20.08 8.11
CA THR A 129 9.16 20.50 7.30
C THR A 129 9.46 19.47 6.20
N ILE A 130 9.53 18.19 6.57
CA ILE A 130 9.89 17.11 5.63
C ILE A 130 8.89 17.09 4.46
N PHE A 131 7.62 17.39 4.75
CA PHE A 131 6.52 17.29 3.77
C PHE A 131 6.05 18.68 3.35
N ALA A 132 6.87 19.70 3.59
CA ALA A 132 6.55 21.08 3.25
C ALA A 132 6.33 21.19 1.73
N GLY A 133 5.30 21.96 1.35
CA GLY A 133 4.90 22.17 -0.05
C GLY A 133 3.58 22.93 -0.12
N GLU A 134 2.86 22.79 -1.24
CA GLU A 134 1.48 23.29 -1.35
C GLU A 134 0.59 22.46 -0.42
N GLY A 135 -0.34 23.13 0.26
CA GLY A 135 -1.26 22.48 1.21
C GLY A 135 -0.50 21.88 2.37
N GLU A 136 -1.06 20.82 2.96
CA GLU A 136 -0.46 20.07 4.06
C GLU A 136 -0.79 18.59 3.87
N ILE A 137 0.20 17.72 4.04
CA ILE A 137 -0.02 16.26 3.97
C ILE A 137 -1.12 15.94 4.97
N PRO A 138 -2.17 15.19 4.57
CA PRO A 138 -3.22 14.79 5.50
C PRO A 138 -2.65 13.99 6.68
N LEU A 139 -3.32 14.04 7.83
CA LEU A 139 -3.04 13.21 9.01
C LEU A 139 -1.59 13.44 9.48
N LEU A 140 -1.19 14.71 9.59
CA LEU A 140 0.18 15.08 9.94
C LEU A 140 0.52 14.58 11.34
N ASP A 141 -0.36 14.87 12.31
CA ASP A 141 -0.14 14.48 13.73
C ASP A 141 -0.07 12.96 13.86
N GLU A 142 -0.94 12.23 13.15
N GLU A 142 -0.95 12.27 13.13
CA GLU A 142 -0.95 10.75 13.22
CA GLU A 142 -1.06 10.81 13.09
C GLU A 142 0.34 10.18 12.62
C GLU A 142 0.27 10.21 12.60
N ARG A 143 0.87 10.81 11.57
CA ARG A 143 2.14 10.36 10.95
C ARG A 143 3.31 10.52 11.93
N ALA A 144 3.34 11.63 12.67
CA ALA A 144 4.34 11.88 13.70
C ALA A 144 4.25 10.81 14.81
N ARG A 145 3.04 10.48 15.25
CA ARG A 145 2.83 9.51 16.33
C ARG A 145 3.32 8.13 15.90
N ILE A 146 3.02 7.75 14.66
CA ILE A 146 3.35 6.44 14.08
C ILE A 146 4.87 6.32 13.90
N LEU A 147 5.52 7.40 13.44
CA LEU A 147 6.97 7.41 13.28
C LEU A 147 7.66 7.29 14.66
N ARG A 148 7.11 7.96 15.68
CA ARG A 148 7.65 7.86 17.05
C ARG A 148 7.49 6.41 17.56
N GLU A 149 6.32 5.80 17.31
CA GLU A 149 6.11 4.38 17.64
C GLU A 149 7.16 3.53 16.92
N THR A 150 7.37 3.81 15.63
CA THR A 150 8.23 2.99 14.77
C THR A 150 9.67 3.03 15.30
N GLY A 151 10.15 4.23 15.64
CA GLY A 151 11.48 4.46 16.22
C GLY A 151 11.65 3.79 17.58
N SER A 152 10.72 4.04 18.50
CA SER A 152 10.68 3.42 19.85
C SER A 152 10.88 1.90 19.77
N VAL A 153 9.99 1.23 19.04
CA VAL A 153 9.98 -0.24 18.90
C VAL A 153 11.29 -0.69 18.27
N LEU A 154 11.72 0.01 17.22
CA LEU A 154 12.98 -0.27 16.51
C LEU A 154 14.15 -0.24 17.50
N ALA A 155 14.19 0.79 18.34
CA ALA A 155 15.26 0.98 19.33
C ALA A 155 15.16 -0.06 20.46
N GLU A 156 13.95 -0.28 20.97
CA GLU A 156 13.72 -1.06 22.20
C GLU A 156 13.80 -2.56 21.90
N ARG A 157 13.32 -2.99 20.73
CA ARG A 157 13.07 -4.40 20.44
C ARG A 157 14.06 -4.98 19.42
N PHE A 158 14.62 -4.14 18.53
CA PHE A 158 15.44 -4.62 17.40
C PHE A 158 16.81 -3.91 17.35
N ALA A 159 17.25 -3.35 18.48
CA ALA A 159 18.55 -2.66 18.59
C ALA A 159 18.71 -1.63 17.46
N GLY A 160 17.63 -0.97 17.06
CA GLY A 160 17.65 0.09 16.04
C GLY A 160 17.72 -0.41 14.60
N ARG A 161 17.68 -1.73 14.40
CA ARG A 161 17.88 -2.34 13.07
C ARG A 161 16.66 -3.16 12.66
N PHE A 162 15.94 -2.71 11.62
CA PHE A 162 14.83 -3.48 11.05
C PHE A 162 15.34 -4.78 10.46
N SER A 163 16.63 -4.79 10.06
CA SER A 163 17.30 -5.98 9.53
C SER A 163 17.13 -7.16 10.50
N ASP A 164 17.10 -6.89 11.81
CA ASP A 164 16.94 -7.95 12.85
C ASP A 164 15.54 -8.58 12.75
N ALA A 165 14.51 -7.78 12.47
CA ALA A 165 13.12 -8.29 12.29
C ALA A 165 13.03 -9.13 11.02
N ILE A 166 13.55 -8.60 9.90
CA ILE A 166 13.53 -9.26 8.59
C ILE A 166 14.22 -10.62 8.66
N ALA A 167 15.37 -10.68 9.37
CA ALA A 167 16.16 -11.92 9.53
C ALA A 167 15.32 -13.01 10.20
N ALA A 168 14.57 -12.64 11.26
CA ALA A 168 13.76 -13.57 12.05
C ALA A 168 12.59 -14.14 11.23
N ALA A 169 12.24 -13.50 10.11
CA ALA A 169 11.16 -13.97 9.21
C ALA A 169 11.60 -15.21 8.42
N GLY A 170 12.92 -15.41 8.27
CA GLY A 170 13.51 -16.57 7.59
C GLY A 170 13.09 -16.67 6.13
N ARG A 171 13.04 -15.53 5.43
CA ARG A 171 12.70 -15.43 4.00
C ARG A 171 11.24 -15.82 3.74
N SER A 172 10.38 -15.74 4.76
CA SER A 172 8.92 -15.88 4.58
C SER A 172 8.25 -14.50 4.66
N ALA A 173 7.62 -14.10 3.55
CA ALA A 173 6.78 -12.90 3.46
C ALA A 173 5.70 -12.93 4.55
N VAL A 174 5.07 -14.08 4.70
CA VAL A 174 3.97 -14.29 5.64
C VAL A 174 4.49 -14.10 7.06
N ALA A 175 5.66 -14.69 7.35
CA ALA A 175 6.31 -14.64 8.66
C ALA A 175 6.64 -13.18 9.01
N LEU A 176 7.07 -12.40 8.01
CA LEU A 176 7.49 -11.02 8.22
C LEU A 176 6.27 -10.14 8.51
N VAL A 177 5.18 -10.31 7.75
CA VAL A 177 3.93 -9.58 7.97
C VAL A 177 3.48 -9.80 9.43
N ASP A 178 3.56 -11.05 9.90
CA ASP A 178 3.19 -11.42 11.28
C ASP A 178 4.10 -10.69 12.27
N ILE A 179 5.42 -10.69 12.02
CA ILE A 179 6.40 -10.05 12.90
C ILE A 179 6.15 -8.53 12.95
N VAL A 180 5.95 -7.91 11.78
CA VAL A 180 5.74 -6.45 11.68
C VAL A 180 4.45 -6.04 12.40
N THR A 181 3.34 -6.73 12.11
CA THR A 181 2.01 -6.39 12.68
C THR A 181 2.01 -6.56 14.20
N ASN A 182 2.76 -7.55 14.72
CA ASN A 182 2.82 -7.80 16.16
C ASN A 182 3.66 -6.70 16.84
N ALA A 183 4.83 -6.40 16.28
CA ALA A 183 5.83 -5.52 16.89
C ALA A 183 5.44 -4.05 16.77
N PHE A 184 4.83 -3.69 15.63
CA PHE A 184 4.47 -2.30 15.25
C PHE A 184 2.94 -2.18 15.09
N PRO A 185 2.20 -1.85 16.18
CA PRO A 185 0.74 -1.80 16.14
C PRO A 185 0.08 -0.96 15.03
N SER A 186 0.79 0.05 14.52
CA SER A 186 0.25 0.93 13.47
C SER A 186 -0.03 0.13 12.19
N PHE A 187 0.62 -1.03 12.03
CA PHE A 187 0.48 -1.87 10.82
C PHE A 187 -0.65 -2.90 10.95
N ARG A 188 -1.36 -2.91 12.09
CA ARG A 188 -2.46 -3.88 12.38
C ARG A 188 -3.74 -3.47 11.63
N ASP A 189 -3.70 -3.67 10.32
CA ASP A 189 -4.76 -3.28 9.38
C ASP A 189 -5.76 -4.44 9.29
N VAL A 190 -6.65 -4.50 10.28
CA VAL A 190 -7.75 -5.45 10.33
C VAL A 190 -9.04 -4.66 10.55
N ALA A 191 -10.16 -5.18 10.05
CA ALA A 191 -11.49 -4.59 10.23
C ALA A 191 -12.43 -5.68 10.75
N THR A 192 -13.67 -5.28 11.05
CA THR A 192 -14.74 -6.19 11.44
C THR A 192 -15.93 -5.97 10.47
N TYR A 193 -16.43 -7.06 9.90
CA TYR A 193 -17.58 -7.07 8.99
C TYR A 193 -18.54 -8.19 9.44
N ARG A 194 -19.76 -7.80 9.81
CA ARG A 194 -20.81 -8.72 10.27
C ARG A 194 -20.25 -9.69 11.32
N GLY A 195 -19.58 -9.11 12.32
CA GLY A 195 -19.11 -9.80 13.53
C GLY A 195 -17.88 -10.66 13.31
N GLU A 196 -17.18 -10.49 12.18
CA GLU A 196 -16.05 -11.36 11.82
C GLU A 196 -14.83 -10.48 11.46
N GLN A 197 -13.64 -10.92 11.89
CA GLN A 197 -12.39 -10.23 11.61
C GLN A 197 -12.10 -10.33 10.11
N VAL A 198 -11.68 -9.20 9.52
CA VAL A 198 -11.21 -9.13 8.12
C VAL A 198 -9.77 -8.63 8.15
N ARG A 199 -8.86 -9.39 7.52
CA ARG A 199 -7.44 -9.06 7.47
C ARG A 199 -7.11 -8.41 6.11
N PHE A 200 -6.39 -7.28 6.16
CA PHE A 200 -5.98 -6.54 4.94
C PHE A 200 -4.45 -6.42 4.88
N TYR A 201 -3.85 -5.80 5.90
CA TYR A 201 -2.39 -5.71 6.06
C TYR A 201 -1.75 -5.02 4.85
N LYS A 202 -2.35 -3.91 4.40
CA LYS A 202 -1.91 -3.26 3.16
C LYS A 202 -0.46 -2.82 3.30
N ARG A 203 -0.16 -2.05 4.35
CA ARG A 203 1.15 -1.42 4.52
C ARG A 203 2.22 -2.49 4.79
N ALA A 204 1.89 -3.49 5.62
CA ALA A 204 2.81 -4.55 6.02
C ALA A 204 3.18 -5.40 4.79
N GLN A 205 2.21 -5.63 3.89
CA GLN A 205 2.41 -6.45 2.70
C GLN A 205 3.26 -5.69 1.66
N ILE A 206 2.93 -4.42 1.41
N ILE A 206 2.91 -4.44 1.38
CA ILE A 206 3.66 -3.58 0.46
CA ILE A 206 3.67 -3.57 0.47
C ILE A 206 5.10 -3.37 0.95
C ILE A 206 5.13 -3.55 0.93
N LEU A 207 5.32 -3.51 2.26
CA LEU A 207 6.66 -3.43 2.85
C LEU A 207 7.51 -4.62 2.37
N VAL A 208 6.90 -5.80 2.29
CA VAL A 208 7.61 -6.99 1.83
C VAL A 208 8.03 -6.81 0.35
N SER A 209 7.09 -6.37 -0.50
CA SER A 209 7.38 -6.19 -1.92
C SER A 209 8.42 -5.08 -2.14
N ASP A 210 8.41 -4.06 -1.28
CA ASP A 210 9.42 -2.96 -1.35
C ASP A 210 10.82 -3.51 -1.01
N LEU A 211 10.91 -4.38 0.02
CA LEU A 211 12.18 -5.01 0.36
C LEU A 211 12.67 -5.84 -0.84
N TYR A 212 11.77 -6.66 -1.41
CA TYR A 212 12.07 -7.48 -2.57
C TYR A 212 12.64 -6.61 -3.70
N GLY A 213 11.96 -5.50 -3.99
CA GLY A 213 12.35 -4.56 -5.03
C GLY A 213 13.71 -3.93 -4.74
N ALA A 214 13.80 -3.23 -3.61
CA ALA A 214 14.96 -2.41 -3.22
C ALA A 214 16.24 -3.24 -3.13
N PHE A 215 16.12 -4.50 -2.69
CA PHE A 215 17.26 -5.39 -2.48
C PHE A 215 17.44 -6.37 -3.65
N ASP A 216 16.55 -6.26 -4.66
CA ASP A 216 16.64 -6.99 -5.94
C ASP A 216 16.64 -8.50 -5.65
N GLY A 217 15.77 -8.93 -4.72
CA GLY A 217 15.51 -10.34 -4.42
C GLY A 217 16.62 -11.02 -3.63
N SER A 218 17.57 -10.23 -3.09
CA SER A 218 18.76 -10.72 -2.37
C SER A 218 18.72 -10.25 -0.91
N ASP A 219 19.49 -10.95 -0.05
CA ASP A 219 19.76 -10.50 1.30
C ASP A 219 18.41 -10.22 1.98
N LEU A 220 18.19 -9.00 2.49
CA LEU A 220 16.98 -8.66 3.27
C LEU A 220 15.73 -8.67 2.37
N GLY A 221 15.92 -8.67 1.05
CA GLY A 221 14.82 -8.69 0.07
C GLY A 221 14.54 -10.07 -0.50
N ALA A 222 15.18 -11.11 0.04
CA ALA A 222 14.99 -12.49 -0.40
C ALA A 222 13.74 -13.08 0.28
N PHE A 223 12.81 -13.59 -0.52
CA PHE A 223 11.57 -14.23 -0.04
C PHE A 223 11.19 -15.42 -0.93
N ASP A 224 10.78 -16.52 -0.30
CA ASP A 224 10.55 -17.80 -0.97
C ASP A 224 9.04 -18.00 -1.25
N ASP A 225 8.18 -17.12 -0.71
CA ASP A 225 6.71 -17.31 -0.76
C ASP A 225 5.99 -16.01 -1.12
N LEU A 226 6.53 -15.25 -2.09
CA LEU A 226 5.92 -13.97 -2.50
C LEU A 226 4.51 -14.17 -3.06
N GLY A 227 4.24 -15.38 -3.58
CA GLY A 227 2.93 -15.80 -4.07
C GLY A 227 1.82 -15.63 -3.03
N GLU A 228 2.19 -15.65 -1.74
CA GLU A 228 1.22 -15.59 -0.62
C GLU A 228 0.72 -14.15 -0.39
N LEU A 229 1.50 -13.15 -0.84
CA LEU A 229 1.05 -11.75 -0.78
C LEU A 229 -0.24 -11.63 -1.60
N THR A 230 -1.18 -10.80 -1.13
CA THR A 230 -2.38 -10.43 -1.89
C THR A 230 -2.14 -9.07 -2.56
N ALA A 231 -3.20 -8.55 -3.21
CA ALA A 231 -3.25 -7.15 -3.60
C ALA A 231 -3.13 -6.27 -2.34
N PHE A 232 -2.76 -5.01 -2.55
CA PHE A 232 -2.62 -4.02 -1.49
C PHE A 232 -3.86 -3.12 -1.51
N ALA A 233 -4.80 -3.38 -0.59
CA ALA A 233 -6.15 -2.78 -0.63
C ALA A 233 -6.07 -1.30 -0.26
N ASP A 234 -5.88 -0.45 -1.28
CA ASP A 234 -5.71 1.02 -1.14
C ASP A 234 -6.93 1.68 -1.81
N TYR A 235 -6.76 2.92 -2.29
CA TYR A 235 -7.83 3.67 -2.96
C TYR A 235 -7.61 3.74 -4.48
N LYS A 236 -6.37 3.56 -4.94
CA LYS A 236 -6.03 3.67 -6.37
C LYS A 236 -6.38 2.37 -7.13
N VAL A 237 -6.10 1.21 -6.54
CA VAL A 237 -6.30 -0.07 -7.21
C VAL A 237 -7.80 -0.29 -7.46
N PRO A 238 -8.69 -0.15 -6.45
CA PRO A 238 -10.12 -0.24 -6.72
C PRO A 238 -10.58 0.73 -7.82
N GLN A 239 -10.00 1.93 -7.86
CA GLN A 239 -10.36 2.93 -8.88
C GLN A 239 -10.09 2.36 -10.27
N VAL A 240 -8.92 1.72 -10.44
CA VAL A 240 -8.52 1.12 -11.71
C VAL A 240 -9.44 -0.06 -12.03
N LEU A 241 -9.71 -0.91 -11.04
CA LEU A 241 -10.60 -2.07 -11.24
C LEU A 241 -11.97 -1.58 -11.71
N HIS A 242 -12.51 -0.52 -11.10
CA HIS A 242 -13.81 0.06 -11.50
C HIS A 242 -13.71 0.55 -12.95
N HIS A 243 -12.64 1.30 -13.25
CA HIS A 243 -12.39 1.82 -14.59
C HIS A 243 -12.40 0.68 -15.62
N LEU A 244 -11.83 -0.49 -15.28
CA LEU A 244 -11.68 -1.63 -16.20
C LEU A 244 -12.94 -2.51 -16.22
N GLY A 245 -13.94 -2.17 -15.41
CA GLY A 245 -15.23 -2.86 -15.38
C GLY A 245 -15.27 -4.01 -14.40
N ILE A 246 -14.17 -4.26 -13.69
CA ILE A 246 -14.05 -5.44 -12.80
C ILE A 246 -14.83 -5.23 -11.49
N LEU A 247 -14.78 -4.01 -10.93
CA LEU A 247 -15.57 -3.66 -9.75
C LEU A 247 -16.80 -2.85 -10.19
N ARG A 248 -17.95 -3.20 -9.63
CA ARG A 248 -19.22 -2.52 -9.87
C ARG A 248 -19.74 -2.06 -8.52
N TYR A 249 -20.34 -0.86 -8.48
CA TYR A 249 -20.83 -0.25 -7.25
C TYR A 249 -22.34 -0.02 -7.37
N ALA A 250 -23.05 -0.26 -6.25
CA ALA A 250 -24.44 0.17 -6.05
C ALA A 250 -24.52 1.69 -6.18
N PRO A 251 -25.69 2.25 -6.54
CA PRO A 251 -25.77 3.67 -6.90
C PRO A 251 -25.38 4.63 -5.77
N ALA A 252 -25.80 4.33 -4.52
CA ALA A 252 -25.50 5.19 -3.37
C ALA A 252 -23.98 5.39 -3.24
N LEU A 253 -23.22 4.30 -3.32
CA LEU A 253 -21.75 4.31 -3.17
C LEU A 253 -21.10 4.98 -4.39
N HIS A 254 -21.58 4.63 -5.59
CA HIS A 254 -21.12 5.25 -6.82
C HIS A 254 -21.21 6.78 -6.69
N ASP A 255 -22.37 7.28 -6.22
CA ASP A 255 -22.64 8.71 -6.13
C ASP A 255 -21.73 9.35 -5.07
N ARG A 256 -21.49 8.65 -3.95
CA ARG A 256 -20.58 9.14 -2.91
C ARG A 256 -19.18 9.36 -3.50
N LEU A 257 -18.69 8.40 -4.30
CA LEU A 257 -17.37 8.53 -4.95
C LEU A 257 -17.38 9.72 -5.91
N ALA A 258 -18.46 9.86 -6.68
CA ALA A 258 -18.58 10.90 -7.71
C ALA A 258 -18.53 12.28 -7.06
N ARG A 259 -19.16 12.41 -5.89
CA ARG A 259 -19.31 13.68 -5.15
C ARG A 259 -18.09 13.94 -4.24
N ARG A 260 -17.12 13.02 -4.24
CA ARG A 260 -15.92 13.07 -3.37
C ARG A 260 -16.35 13.19 -1.91
N GLU A 261 -17.32 12.37 -1.53
CA GLU A 261 -17.88 12.33 -0.17
C GLU A 261 -17.09 11.28 0.62
N GLU A 262 -16.64 11.65 1.83
N GLU A 262 -16.66 11.62 1.84
CA GLU A 262 -15.82 10.76 2.68
CA GLU A 262 -15.80 10.76 2.64
C GLU A 262 -16.62 9.48 2.95
C GLU A 262 -16.58 9.49 3.03
N ILE A 263 -15.95 8.33 2.84
CA ILE A 263 -16.52 7.03 3.19
C ILE A 263 -15.83 6.57 4.47
N PRO A 264 -16.54 6.59 5.62
CA PRO A 264 -15.89 6.41 6.92
C PRO A 264 -15.12 5.09 7.01
N ALA A 265 -13.93 5.14 7.62
CA ALA A 265 -13.13 3.95 7.87
C ALA A 265 -13.93 2.99 8.75
N GLY A 266 -13.82 1.69 8.46
CA GLY A 266 -14.45 0.64 9.23
C GLY A 266 -15.92 0.44 8.88
N SER A 267 -16.44 1.26 7.96
CA SER A 267 -17.84 1.19 7.50
C SER A 267 -18.01 -0.01 6.57
N PRO A 268 -19.22 -0.62 6.50
CA PRO A 268 -19.44 -1.75 5.59
C PRO A 268 -18.99 -1.47 4.14
N GLU A 269 -19.25 -0.26 3.65
CA GLU A 269 -18.90 0.12 2.28
C GLU A 269 -17.38 0.08 2.10
N GLU A 270 -16.64 0.68 3.05
CA GLU A 270 -15.18 0.72 2.97
C GLU A 270 -14.62 -0.69 2.94
N VAL A 271 -15.08 -1.54 3.87
CA VAL A 271 -14.58 -2.91 3.98
C VAL A 271 -14.93 -3.73 2.73
N GLU A 272 -16.09 -3.45 2.12
CA GLU A 272 -16.55 -4.13 0.90
C GLU A 272 -15.67 -3.76 -0.28
N ILE A 273 -15.31 -2.48 -0.41
CA ILE A 273 -14.41 -2.02 -1.48
C ILE A 273 -13.06 -2.75 -1.35
N ARG A 274 -12.52 -2.79 -0.12
CA ARG A 274 -11.17 -3.34 0.12
C ARG A 274 -11.17 -4.85 -0.16
N ALA A 275 -12.15 -5.57 0.40
CA ALA A 275 -12.31 -7.02 0.17
C ALA A 275 -12.44 -7.34 -1.32
N ALA A 276 -13.30 -6.60 -2.03
CA ALA A 276 -13.53 -6.83 -3.47
C ALA A 276 -12.28 -6.45 -4.29
N THR A 277 -11.43 -5.58 -3.75
CA THR A 277 -10.16 -5.26 -4.37
C THR A 277 -9.27 -6.51 -4.33
N ILE A 278 -9.13 -7.07 -3.14
CA ILE A 278 -8.35 -8.29 -2.88
C ILE A 278 -8.78 -9.38 -3.87
N TRP A 279 -10.09 -9.59 -3.99
CA TRP A 279 -10.63 -10.72 -4.76
C TRP A 279 -10.74 -10.36 -6.25
N GLY A 280 -10.87 -9.07 -6.56
CA GLY A 280 -10.79 -8.60 -7.94
C GLY A 280 -9.46 -8.97 -8.55
N VAL A 281 -8.38 -8.71 -7.80
CA VAL A 281 -7.03 -8.95 -8.25
C VAL A 281 -6.77 -10.45 -8.34
N GLU A 282 -7.25 -11.20 -7.34
CA GLU A 282 -7.10 -12.66 -7.26
C GLU A 282 -7.83 -13.34 -8.43
N GLU A 283 -9.06 -12.92 -8.74
CA GLU A 283 -9.83 -13.49 -9.87
C GLU A 283 -9.10 -13.18 -11.18
N LEU A 284 -8.55 -11.96 -11.30
CA LEU A 284 -7.80 -11.54 -12.51
C LEU A 284 -6.50 -12.37 -12.64
N ARG A 285 -5.85 -12.65 -11.51
CA ARG A 285 -4.62 -13.45 -11.52
C ARG A 285 -4.94 -14.84 -12.07
N ARG A 286 -5.97 -15.48 -11.48
CA ARG A 286 -6.45 -16.82 -11.86
C ARG A 286 -6.73 -16.87 -13.36
N ALA A 287 -7.49 -15.87 -13.85
CA ALA A 287 -7.91 -15.75 -15.25
C ALA A 287 -6.70 -15.60 -16.19
N LEU A 288 -5.62 -14.96 -15.71
CA LEU A 288 -4.39 -14.78 -16.49
C LEU A 288 -3.62 -16.10 -16.59
N ALA A 289 -3.48 -16.79 -15.44
CA ALA A 289 -2.85 -18.13 -15.35
C ALA A 289 -3.49 -19.07 -16.37
N SER A 290 -4.83 -19.13 -16.36
CA SER A 290 -5.66 -19.86 -17.34
C SER A 290 -5.14 -19.66 -18.77
N ARG A 291 -4.75 -18.43 -19.10
CA ARG A 291 -4.43 -18.01 -20.46
C ARG A 291 -2.91 -17.96 -20.67
N GLY A 292 -2.15 -18.69 -19.85
CA GLY A 292 -0.72 -18.95 -20.05
C GLY A 292 0.19 -17.85 -19.52
N HIS A 293 -0.38 -16.84 -18.85
CA HIS A 293 0.39 -15.71 -18.30
C HIS A 293 0.32 -15.73 -16.77
N ALA A 294 1.22 -16.50 -16.14
CA ALA A 294 1.29 -16.66 -14.68
C ALA A 294 2.01 -15.47 -14.05
N LEU A 295 1.30 -14.75 -13.16
CA LEU A 295 1.87 -13.70 -12.30
C LEU A 295 1.43 -13.94 -10.86
N ASP A 296 2.20 -13.40 -9.91
CA ASP A 296 1.82 -13.35 -8.49
C ASP A 296 0.86 -12.17 -8.28
N ALA A 297 -0.03 -12.30 -7.29
CA ALA A 297 -1.05 -11.28 -6.97
C ALA A 297 -0.40 -9.89 -6.88
N TYR A 298 0.75 -9.80 -6.20
CA TYR A 298 1.42 -8.51 -5.94
C TYR A 298 1.83 -7.87 -7.28
N GLN A 299 2.20 -8.69 -8.27
CA GLN A 299 2.62 -8.20 -9.58
C GLN A 299 1.40 -7.63 -10.33
N VAL A 300 0.25 -8.30 -10.18
CA VAL A 300 -1.01 -7.85 -10.79
C VAL A 300 -1.42 -6.51 -10.16
N ASP A 301 -1.19 -6.35 -8.84
CA ASP A 301 -1.42 -5.07 -8.13
C ASP A 301 -0.52 -3.98 -8.74
N TRP A 302 0.81 -4.21 -8.75
CA TRP A 302 1.78 -3.24 -9.32
C TRP A 302 1.31 -2.79 -10.70
N LEU A 303 0.82 -3.77 -11.48
CA LEU A 303 0.38 -3.60 -12.86
C LEU A 303 -0.85 -2.69 -12.93
N LEU A 304 -1.84 -2.93 -12.07
CA LEU A 304 -3.06 -2.12 -11.99
C LEU A 304 -2.71 -0.73 -11.44
N TRP A 305 -1.90 -0.68 -10.38
CA TRP A 305 -1.52 0.58 -9.74
C TRP A 305 -0.88 1.50 -10.79
N ASP A 306 -0.06 0.92 -11.68
CA ASP A 306 0.57 1.62 -12.82
C ASP A 306 -0.49 2.33 -13.69
N GLU A 307 -1.50 1.58 -14.15
CA GLU A 307 -2.58 2.11 -15.03
C GLU A 307 -3.26 3.31 -14.35
N GLY A 308 -3.27 3.31 -13.01
CA GLY A 308 -3.89 4.33 -12.16
C GLY A 308 -3.20 5.69 -12.23
N GLN A 309 -2.02 5.76 -12.87
CA GLN A 309 -1.28 7.00 -13.14
C GLN A 309 -1.71 7.59 -14.50
N ARG A 310 -2.38 6.77 -15.33
CA ARG A 310 -2.63 7.06 -16.76
C ARG A 310 -4.13 7.02 -17.08
N LEU A 311 -4.98 7.30 -16.08
CA LEU A 311 -6.46 7.15 -16.24
C LEU A 311 -6.98 8.33 -17.04
N PRO A 312 -7.96 8.12 -17.95
CA PRO A 312 -8.57 9.22 -18.68
C PRO A 312 -9.42 10.10 -17.75
N ALA A 313 -9.49 11.40 -18.05
CA ALA A 313 -10.38 12.33 -17.34
C ALA A 313 -11.81 11.85 -17.51
N GLY A 314 -12.64 12.05 -16.47
CA GLY A 314 -14.02 11.57 -16.42
C GLY A 314 -14.13 10.18 -15.82
N THR A 315 -13.00 9.59 -15.41
CA THR A 315 -12.94 8.36 -14.62
C THR A 315 -13.57 8.64 -13.25
N LEU A 316 -14.37 7.71 -12.74
CA LEU A 316 -14.97 7.84 -11.41
C LEU A 316 -13.84 8.10 -10.42
N PRO A 317 -13.93 9.15 -9.57
CA PRO A 317 -12.90 9.40 -8.56
C PRO A 317 -12.72 8.22 -7.60
N TYR A 318 -11.48 8.05 -7.10
CA TYR A 318 -11.16 7.08 -6.06
C TYR A 318 -11.92 7.45 -4.76
N HIS A 319 -12.22 6.42 -3.96
CA HIS A 319 -12.95 6.59 -2.71
C HIS A 319 -12.02 7.32 -1.71
N ARG A 320 -12.62 8.18 -0.87
CA ARG A 320 -11.88 9.01 0.08
C ARG A 320 -12.24 8.57 1.49
N THR A 321 -11.33 7.81 2.11
CA THR A 321 -11.43 7.39 3.51
C THR A 321 -10.25 7.98 4.30
N ARG A 322 -10.56 8.72 5.37
CA ARG A 322 -9.56 9.16 6.36
C ARG A 322 -9.19 7.96 7.23
N THR A 323 -7.94 7.47 7.10
CA THR A 323 -7.45 6.27 7.80
C THR A 323 -5.93 6.20 7.77
N ILE A 324 -5.41 5.41 8.71
N ILE A 324 -5.33 5.47 8.72
CA ILE A 324 -3.99 5.21 9.00
CA ILE A 324 -3.85 5.33 8.81
C ILE A 324 -3.42 4.03 8.18
C ILE A 324 -3.37 4.09 8.05
N PHE A 325 -4.29 3.29 7.48
CA PHE A 325 -3.93 1.98 6.89
C PHE A 325 -3.68 2.06 5.37
N TYR A 326 -4.17 3.10 4.69
CA TYR A 326 -3.93 3.30 3.25
C TYR A 326 -4.38 4.70 2.84
#